data_8YU8
#
_entry.id   8YU8
#
_cell.length_a   49.838
_cell.length_b   61.593
_cell.length_c   97.750
_cell.angle_alpha   90.000
_cell.angle_beta   90.000
_cell.angle_gamma   90.000
#
_symmetry.space_group_name_H-M   'P 21 21 21'
#
loop_
_entity.id
_entity.type
_entity.pdbx_description
1 polymer 'Peroxisome proliferator-activated receptor alpha'
2 polymer 'Peroxisome proliferator-activated receptor gamma coactivator 1-alpha'
3 non-polymer '6-(4-butoxycarbonylpiperazin-1-yl)-1-(4-fluorophenyl)-3-pentan-3-yl-pyrazolo[3,4-b]pyridine-4-carboxylic acid'
4 water water
#
loop_
_entity_poly.entity_id
_entity_poly.type
_entity_poly.pdbx_seq_one_letter_code
_entity_poly.pdbx_strand_id
1 'polypeptide(L)'
;GGQTADLKSLAKRIYEAYLKNFNMNKVKARVILSGKASNNPPFVIHDMETLCMAEKTLVAKLVANGIQNKEAEVRIFHCC
QCTSVETVTELTEFAKAIPGFANLDLNDQVTLLKYGVYEAIFAMLSSVMNKDGMLVAYGNGFITREFLKSLRKPFCDIME
PKFDFAMKFNALELDDSDISLFVAAIICCGDRPGLLNVGHIEKMQEGIVHVLRLHLQSNHPDDIFLFPKLLQKMADLRQL
VTEHAQLVQIIKKTESDAALHPLLQEIYRDMY
;
A
2 'polypeptide(L)' PQEAEEPSLLKKLLLAPANTQL B
#
loop_
_chem_comp.id
_chem_comp.type
_chem_comp.name
_chem_comp.formula
A1LZ1 non-polymer '6-(4-butoxycarbonylpiperazin-1-yl)-1-(4-fluorophenyl)-3-pentan-3-yl-pyrazolo[3,4-b]pyridine-4-carboxylic acid' 'C27 H34 F N5 O4'
#
# COMPACT_ATOMS: atom_id res chain seq x y z
N LYS A 8 23.43 -13.66 0.35
CA LYS A 8 23.23 -14.79 -0.54
C LYS A 8 21.77 -15.10 -0.79
N SER A 9 21.17 -15.96 0.05
CA SER A 9 19.77 -16.34 -0.09
C SER A 9 18.84 -15.20 0.29
N LEU A 10 19.10 -14.02 -0.29
CA LEU A 10 18.36 -12.83 0.09
C LEU A 10 16.90 -12.92 -0.32
N ALA A 11 16.59 -13.64 -1.40
CA ALA A 11 15.23 -13.65 -1.94
C ALA A 11 14.25 -14.38 -1.01
N LYS A 12 14.67 -15.51 -0.44
CA LYS A 12 13.74 -16.26 0.39
C LYS A 12 13.54 -15.58 1.73
N ARG A 13 14.58 -14.95 2.28
CA ARG A 13 14.37 -14.13 3.47
C ARG A 13 13.40 -12.99 3.21
N ILE A 14 13.46 -12.41 2.00
CA ILE A 14 12.54 -11.32 1.66
C ILE A 14 11.13 -11.85 1.49
N TYR A 15 10.98 -12.97 0.78
CA TYR A 15 9.66 -13.57 0.61
C TYR A 15 9.05 -13.98 1.95
N GLU A 16 9.85 -14.58 2.84
CA GLU A 16 9.33 -14.98 4.15
C GLU A 16 8.99 -13.76 5.00
N ALA A 17 9.78 -12.69 4.90
CA ALA A 17 9.44 -11.46 5.61
C ALA A 17 8.11 -10.90 5.13
N TYR A 18 7.86 -10.99 3.83
CA TYR A 18 6.60 -10.55 3.24
C TYR A 18 5.43 -11.40 3.73
N LEU A 19 5.58 -12.73 3.65
CA LEU A 19 4.54 -13.64 4.09
C LEU A 19 4.22 -13.46 5.57
N LYS A 20 5.23 -13.13 6.36
CA LYS A 20 5.03 -13.01 7.81
C LYS A 20 4.39 -11.69 8.21
N ASN A 21 4.62 -10.62 7.45
CA ASN A 21 4.33 -9.28 7.95
C ASN A 21 3.09 -8.62 7.34
N PHE A 22 2.52 -9.15 6.27
CA PHE A 22 1.36 -8.53 5.64
C PHE A 22 0.13 -9.41 5.82
N ASN A 23 -0.87 -8.86 6.51
CA ASN A 23 -2.10 -9.60 6.76
C ASN A 23 -2.79 -9.97 5.46
N MET A 24 -2.71 -9.10 4.46
CA MET A 24 -3.33 -9.33 3.16
C MET A 24 -2.24 -9.47 2.12
N ASN A 25 -2.45 -10.37 1.17
CA ASN A 25 -1.53 -10.55 0.04
C ASN A 25 -2.35 -11.04 -1.14
N LYS A 26 -1.66 -11.37 -2.24
CA LYS A 26 -2.37 -11.66 -3.49
C LYS A 26 -3.04 -13.04 -3.46
N VAL A 27 -2.38 -14.05 -2.90
CA VAL A 27 -3.00 -15.37 -2.81
C VAL A 27 -4.29 -15.29 -2.01
N LYS A 28 -4.24 -14.66 -0.83
CA LYS A 28 -5.46 -14.49 -0.04
C LYS A 28 -6.49 -13.65 -0.76
N ALA A 29 -6.05 -12.55 -1.39
CA ALA A 29 -7.00 -11.62 -2.02
C ALA A 29 -7.73 -12.28 -3.18
N ARG A 30 -7.03 -13.08 -3.98
CA ARG A 30 -7.67 -13.67 -5.16
C ARG A 30 -8.70 -14.71 -4.76
N VAL A 31 -8.47 -15.42 -3.65
CA VAL A 31 -9.50 -16.31 -3.11
C VAL A 31 -10.81 -15.55 -2.92
N ILE A 32 -10.73 -14.37 -2.31
CA ILE A 32 -11.93 -13.60 -2.03
C ILE A 32 -12.48 -12.98 -3.31
N LEU A 33 -11.60 -12.46 -4.19
CA LEU A 33 -12.07 -11.81 -5.41
C LEU A 33 -12.59 -12.79 -6.45
N SER A 34 -12.12 -14.04 -6.44
CA SER A 34 -12.65 -15.01 -7.40
C SER A 34 -14.07 -15.41 -7.05
N GLY A 35 -14.42 -15.38 -5.78
CA GLY A 35 -15.74 -15.75 -5.33
C GLY A 35 -15.82 -17.02 -4.50
N LYS A 36 -14.70 -17.47 -3.95
CA LYS A 36 -14.63 -18.70 -3.21
C LYS A 36 -14.70 -18.52 -1.71
N ALA A 37 -14.85 -17.30 -1.24
CA ALA A 37 -14.97 -17.06 0.19
C ALA A 37 -16.41 -17.35 0.59
N SER A 38 -16.76 -18.61 0.79
CA SER A 38 -18.12 -19.00 1.09
C SER A 38 -18.54 -18.78 2.53
N ASN A 39 -17.62 -18.91 3.45
CA ASN A 39 -17.98 -18.76 4.86
C ASN A 39 -18.30 -17.31 5.19
N ASN A 40 -17.29 -16.45 5.18
CA ASN A 40 -17.50 -15.05 5.50
C ASN A 40 -17.27 -14.22 4.25
N PRO A 41 -18.23 -14.19 3.33
CA PRO A 41 -17.98 -13.60 2.01
C PRO A 41 -17.89 -12.09 2.09
N PRO A 42 -17.24 -11.45 1.12
CA PRO A 42 -17.13 -9.99 1.15
C PRO A 42 -18.49 -9.33 0.94
N PHE A 43 -18.89 -8.51 1.89
CA PHE A 43 -20.06 -7.67 1.72
C PHE A 43 -19.78 -6.63 0.64
N VAL A 44 -20.65 -6.53 -0.35
CA VAL A 44 -20.48 -5.58 -1.44
C VAL A 44 -21.06 -4.23 -1.03
N ILE A 45 -20.19 -3.23 -0.93
CA ILE A 45 -20.58 -1.85 -0.64
C ILE A 45 -20.66 -1.12 -1.97
N HIS A 46 -21.87 -0.79 -2.42
CA HIS A 46 -22.05 -0.14 -3.70
C HIS A 46 -22.91 1.12 -3.64
N ASP A 47 -23.45 1.46 -2.47
CA ASP A 47 -24.27 2.67 -2.35
C ASP A 47 -24.29 3.10 -0.88
N MET A 48 -25.07 4.16 -0.62
CA MET A 48 -25.16 4.72 0.72
C MET A 48 -25.65 3.67 1.71
N GLU A 49 -26.60 2.84 1.27
CA GLU A 49 -27.31 1.93 2.15
C GLU A 49 -26.47 0.70 2.49
N THR A 50 -25.77 0.13 1.50
CA THR A 50 -24.91 -1.01 1.80
C THR A 50 -23.70 -0.60 2.62
N LEU A 51 -23.25 0.64 2.48
CA LEU A 51 -22.20 1.13 3.37
C LEU A 51 -22.68 1.14 4.81
N CYS A 52 -23.93 1.53 5.04
CA CYS A 52 -24.48 1.57 6.39
C CYS A 52 -24.59 0.16 6.98
N MET A 53 -25.10 -0.79 6.20
CA MET A 53 -25.14 -2.17 6.69
C MET A 53 -23.76 -2.68 7.05
N ALA A 54 -22.78 -2.42 6.18
CA ALA A 54 -21.42 -2.89 6.44
C ALA A 54 -20.89 -2.34 7.75
N GLU A 55 -21.11 -1.04 7.98
CA GLU A 55 -20.65 -0.41 9.21
C GLU A 55 -21.36 -1.00 10.44
N LYS A 56 -22.66 -1.30 10.30
CA LYS A 56 -23.40 -1.92 11.40
C LYS A 56 -22.73 -3.22 11.85
N THR A 57 -22.29 -4.03 10.90
CA THR A 57 -21.78 -5.36 11.20
C THR A 57 -20.29 -5.38 11.52
N LEU A 58 -19.50 -4.50 10.92
CA LEU A 58 -18.06 -4.58 11.06
C LEU A 58 -17.47 -3.63 12.09
N VAL A 59 -18.12 -2.49 12.36
CA VAL A 59 -17.62 -1.55 13.35
C VAL A 59 -18.79 -0.98 14.16
N ALA A 60 -19.51 -1.87 14.87
CA ALA A 60 -20.72 -1.46 15.56
C ALA A 60 -20.45 -0.44 16.66
N LYS A 61 -19.26 -0.48 17.28
CA LYS A 61 -18.91 0.53 18.26
C LYS A 61 -18.90 1.92 17.63
N LEU A 62 -18.55 2.02 16.35
CA LEU A 62 -18.42 3.31 15.69
C LEU A 62 -19.79 3.86 15.30
N VAL A 63 -20.67 2.99 14.79
CA VAL A 63 -22.05 3.41 14.50
C VAL A 63 -22.77 3.81 15.78
N ALA A 64 -22.47 3.12 16.88
CA ALA A 64 -23.09 3.48 18.15
C ALA A 64 -22.68 4.89 18.59
N ASN A 65 -21.55 5.36 18.11
CA ASN A 65 -21.09 6.69 18.48
C ASN A 65 -21.53 7.79 17.51
N GLY A 66 -22.52 7.54 16.69
CA GLY A 66 -23.00 8.52 15.76
C GLY A 66 -22.11 8.84 14.57
N ILE A 67 -21.48 7.84 13.99
CA ILE A 67 -20.59 8.06 12.87
C ILE A 67 -21.29 8.19 11.53
N GLN A 68 -22.56 7.83 11.47
CA GLN A 68 -23.30 8.03 10.26
C GLN A 68 -23.83 9.45 10.21
N ASN A 69 -23.54 10.20 11.27
CA ASN A 69 -23.89 11.62 11.32
C ASN A 69 -22.76 12.43 10.69
N LYS A 70 -21.98 11.76 9.85
CA LYS A 70 -20.88 12.31 9.10
C LYS A 70 -21.08 11.87 7.67
N GLU A 71 -20.53 12.60 6.73
CA GLU A 71 -20.73 12.20 5.36
C GLU A 71 -20.03 10.90 5.05
N ALA A 72 -20.58 10.19 4.11
CA ALA A 72 -19.99 8.91 3.71
C ALA A 72 -18.54 9.08 3.28
N GLU A 73 -18.27 10.14 2.51
CA GLU A 73 -16.89 10.44 2.12
C GLU A 73 -15.97 10.51 3.34
N VAL A 74 -16.45 11.13 4.42
CA VAL A 74 -15.63 11.25 5.62
C VAL A 74 -15.43 9.88 6.27
N ARG A 75 -16.46 9.03 6.24
CA ARG A 75 -16.32 7.69 6.82
C ARG A 75 -15.35 6.84 6.00
N ILE A 76 -15.49 6.86 4.67
CA ILE A 76 -14.59 6.10 3.81
C ILE A 76 -13.17 6.62 3.95
N PHE A 77 -13.02 7.95 3.97
CA PHE A 77 -11.72 8.56 4.23
C PHE A 77 -11.08 7.98 5.48
N HIS A 78 -11.86 7.89 6.57
CA HIS A 78 -11.31 7.41 7.83
C HIS A 78 -10.91 5.95 7.74
N CYS A 79 -11.73 5.12 7.09
CA CYS A 79 -11.38 3.72 6.88
C CYS A 79 -10.08 3.61 6.09
N CYS A 80 -9.99 4.33 4.96
CA CYS A 80 -8.78 4.30 4.16
C CYS A 80 -7.58 4.77 4.96
N GLN A 81 -7.73 5.87 5.70
CA GLN A 81 -6.68 6.36 6.58
C GLN A 81 -6.14 5.27 7.49
N CYS A 82 -7.06 4.61 8.22
CA CYS A 82 -6.63 3.58 9.18
C CYS A 82 -5.89 2.45 8.49
N THR A 83 -6.32 2.06 7.29
CA THR A 83 -5.64 0.98 6.57
C THR A 83 -4.21 1.37 6.21
N SER A 84 -4.01 2.61 5.74
CA SER A 84 -2.66 3.08 5.43
C SER A 84 -1.78 3.05 6.68
N VAL A 85 -2.33 3.54 7.81
CA VAL A 85 -1.60 3.51 9.07
C VAL A 85 -1.19 2.07 9.41
N GLU A 86 -2.14 1.14 9.32
CA GLU A 86 -1.84 -0.27 9.55
C GLU A 86 -0.72 -0.75 8.62
N THR A 87 -0.84 -0.46 7.32
CA THR A 87 0.13 -0.96 6.36
C THR A 87 1.51 -0.34 6.55
N VAL A 88 1.58 0.93 6.98
CA VAL A 88 2.86 1.53 7.28
C VAL A 88 3.56 0.75 8.39
N THR A 89 2.80 0.33 9.40
CA THR A 89 3.36 -0.48 10.47
C THR A 89 3.88 -1.81 9.93
N GLU A 90 3.08 -2.50 9.10
CA GLU A 90 3.56 -3.75 8.52
C GLU A 90 4.80 -3.52 7.65
N LEU A 91 4.81 -2.41 6.89
CA LEU A 91 5.95 -2.11 6.04
C LEU A 91 7.21 -1.88 6.85
N THR A 92 7.07 -1.23 8.02
CA THR A 92 8.22 -1.00 8.88
C THR A 92 8.81 -2.32 9.36
N GLU A 93 7.95 -3.23 9.84
CA GLU A 93 8.42 -4.54 10.28
C GLU A 93 9.01 -5.34 9.12
N PHE A 94 8.38 -5.26 7.94
CA PHE A 94 8.94 -5.86 6.74
C PHE A 94 10.36 -5.35 6.48
N ALA A 95 10.54 -4.02 6.50
CA ALA A 95 11.84 -3.44 6.20
C ALA A 95 12.89 -3.89 7.20
N LYS A 96 12.54 -3.90 8.49
CA LYS A 96 13.46 -4.37 9.53
C LYS A 96 13.96 -5.77 9.27
N ALA A 97 13.23 -6.56 8.48
CA ALA A 97 13.61 -7.93 8.17
C ALA A 97 14.30 -8.07 6.82
N ILE A 98 14.42 -6.99 6.05
CA ILE A 98 15.22 -7.02 4.82
C ILE A 98 16.69 -7.05 5.23
N PRO A 99 17.47 -8.06 4.81
CA PRO A 99 18.89 -8.12 5.19
C PRO A 99 19.64 -6.84 4.90
N GLY A 100 20.28 -6.27 5.93
CA GLY A 100 21.03 -5.05 5.83
C GLY A 100 20.29 -3.81 6.31
N PHE A 101 18.96 -3.83 6.27
CA PHE A 101 18.20 -2.65 6.65
C PHE A 101 18.44 -2.25 8.09
N ALA A 102 18.42 -3.22 9.01
CA ALA A 102 18.55 -2.92 10.43
C ALA A 102 19.89 -2.31 10.78
N ASN A 103 20.90 -2.44 9.92
CA ASN A 103 22.21 -1.89 10.18
C ASN A 103 22.35 -0.44 9.72
N LEU A 104 21.33 0.11 9.08
CA LEU A 104 21.39 1.48 8.59
C LEU A 104 21.24 2.47 9.73
N ASP A 105 21.72 3.69 9.51
CA ASP A 105 21.44 4.78 10.43
C ASP A 105 19.94 4.96 10.61
N LEU A 106 19.54 5.27 11.85
CA LEU A 106 18.12 5.48 12.14
C LEU A 106 17.50 6.55 11.25
N ASN A 107 18.20 7.67 11.06
CA ASN A 107 17.65 8.73 10.22
C ASN A 107 17.54 8.29 8.77
N ASP A 108 18.49 7.48 8.30
CA ASP A 108 18.39 6.94 6.95
C ASP A 108 17.24 5.94 6.86
N GLN A 109 16.99 5.18 7.93
CA GLN A 109 15.84 4.28 7.95
C GLN A 109 14.54 5.08 7.87
N VAL A 110 14.47 6.23 8.55
CA VAL A 110 13.28 7.07 8.48
C VAL A 110 13.08 7.59 7.07
N THR A 111 14.17 8.03 6.43
CA THR A 111 14.09 8.56 5.07
C THR A 111 13.56 7.51 4.10
N LEU A 112 14.06 6.28 4.19
CA LEU A 112 13.65 5.24 3.25
C LEU A 112 12.16 4.94 3.37
N LEU A 113 11.65 4.87 4.61
CA LEU A 113 10.24 4.59 4.81
C LEU A 113 9.38 5.76 4.36
N LYS A 114 9.73 6.98 4.81
CA LYS A 114 8.98 8.18 4.47
C LYS A 114 8.67 8.26 2.97
N TYR A 115 9.70 8.13 2.15
CA TYR A 115 9.50 8.24 0.70
C TYR A 115 9.05 6.94 0.06
N GLY A 116 9.19 5.81 0.75
CA GLY A 116 8.91 4.53 0.14
C GLY A 116 7.55 3.90 0.42
N VAL A 117 6.94 4.23 1.56
CA VAL A 117 5.78 3.47 2.02
C VAL A 117 4.61 3.60 1.03
N TYR A 118 4.41 4.79 0.47
CA TYR A 118 3.22 4.96 -0.36
C TYR A 118 3.41 4.36 -1.75
N GLU A 119 4.64 4.34 -2.26
CA GLU A 119 4.87 3.57 -3.48
C GLU A 119 4.58 2.09 -3.25
N ALA A 120 4.98 1.57 -2.08
CA ALA A 120 4.71 0.17 -1.76
C ALA A 120 3.22 -0.06 -1.51
N ILE A 121 2.56 0.88 -0.83
CA ILE A 121 1.13 0.72 -0.55
C ILE A 121 0.33 0.60 -1.85
N PHE A 122 0.58 1.51 -2.79
CA PHE A 122 -0.19 1.49 -4.04
C PHE A 122 0.20 0.33 -4.94
N ALA A 123 1.47 -0.09 -4.93
CA ALA A 123 1.82 -1.35 -5.56
C ALA A 123 1.00 -2.50 -4.98
N MET A 124 1.00 -2.61 -3.66
CA MET A 124 0.35 -3.72 -2.96
C MET A 124 -1.17 -3.59 -3.03
N LEU A 125 -1.67 -2.36 -3.07
CA LEU A 125 -3.10 -2.12 -3.25
C LEU A 125 -3.66 -2.83 -4.48
N SER A 126 -2.82 -3.00 -5.52
CA SER A 126 -3.27 -3.66 -6.73
C SER A 126 -3.75 -5.07 -6.47
N SER A 127 -3.17 -5.74 -5.47
CA SER A 127 -3.49 -7.15 -5.21
C SER A 127 -4.93 -7.32 -4.73
N VAL A 128 -5.46 -6.30 -4.08
CA VAL A 128 -6.80 -6.37 -3.58
C VAL A 128 -7.81 -5.69 -4.47
N MET A 129 -7.41 -5.44 -5.71
CA MET A 129 -8.22 -4.76 -6.68
C MET A 129 -8.54 -5.56 -7.91
N ASN A 130 -9.77 -5.41 -8.36
CA ASN A 130 -10.15 -5.93 -9.65
C ASN A 130 -10.77 -4.80 -10.43
N LYS A 131 -11.23 -5.06 -11.64
CA LYS A 131 -11.81 -4.00 -12.45
C LYS A 131 -13.04 -3.32 -11.85
N ASP A 132 -13.78 -4.03 -11.01
CA ASP A 132 -14.98 -3.48 -10.40
C ASP A 132 -14.92 -2.90 -8.98
N GLY A 133 -13.85 -3.16 -8.24
CA GLY A 133 -13.74 -2.64 -6.89
C GLY A 133 -12.52 -3.12 -6.13
N MET A 134 -12.49 -2.89 -4.82
CA MET A 134 -11.37 -3.30 -3.99
C MET A 134 -11.85 -3.90 -2.68
N LEU A 135 -11.04 -4.81 -2.13
CA LEU A 135 -11.31 -5.38 -0.82
C LEU A 135 -11.01 -4.37 0.28
N VAL A 136 -11.82 -4.39 1.33
CA VAL A 136 -11.61 -3.59 2.53
C VAL A 136 -11.98 -4.42 3.76
N ALA A 137 -11.66 -3.88 4.93
CA ALA A 137 -12.00 -4.50 6.22
C ALA A 137 -11.48 -5.92 6.31
N TYR A 138 -10.18 -6.07 6.00
CA TYR A 138 -9.47 -7.35 6.10
C TYR A 138 -10.13 -8.44 5.26
N GLY A 139 -10.61 -8.06 4.07
CA GLY A 139 -11.21 -9.00 3.14
C GLY A 139 -12.68 -9.27 3.35
N ASN A 140 -13.33 -8.62 4.32
CA ASN A 140 -14.75 -8.85 4.58
C ASN A 140 -15.65 -7.83 3.90
N GLY A 141 -15.09 -6.82 3.23
CA GLY A 141 -15.88 -5.87 2.49
C GLY A 141 -15.26 -5.61 1.13
N PHE A 142 -16.13 -5.22 0.18
CA PHE A 142 -15.74 -4.96 -1.20
C PHE A 142 -16.48 -3.71 -1.66
N ILE A 143 -15.77 -2.59 -1.75
CA ILE A 143 -16.37 -1.32 -2.14
C ILE A 143 -16.20 -1.16 -3.65
N THR A 144 -17.31 -0.89 -4.35
CA THR A 144 -17.25 -0.89 -5.81
C THR A 144 -16.54 0.35 -6.33
N ARG A 145 -15.87 0.17 -7.47
CA ARG A 145 -15.21 1.27 -8.14
C ARG A 145 -16.20 2.36 -8.53
N GLU A 146 -17.42 1.98 -8.91
CA GLU A 146 -18.38 2.98 -9.33
C GLU A 146 -18.95 3.76 -8.16
N PHE A 147 -19.06 3.14 -6.98
CA PHE A 147 -19.48 3.88 -5.81
C PHE A 147 -18.46 4.95 -5.44
N LEU A 148 -17.17 4.59 -5.47
CA LEU A 148 -16.13 5.56 -5.18
C LEU A 148 -16.17 6.73 -6.16
N LYS A 149 -16.39 6.45 -7.44
CA LYS A 149 -16.49 7.53 -8.42
C LYS A 149 -17.71 8.40 -8.17
N SER A 150 -18.75 7.85 -7.54
CA SER A 150 -20.00 8.57 -7.30
C SER A 150 -19.94 9.52 -6.12
N LEU A 151 -18.85 9.51 -5.34
CA LEU A 151 -18.72 10.43 -4.22
C LEU A 151 -18.46 11.85 -4.74
N ARG A 152 -18.44 12.80 -3.81
CA ARG A 152 -18.24 14.20 -4.17
C ARG A 152 -16.76 14.55 -4.17
N LYS A 153 -16.42 15.57 -4.95
CA LYS A 153 -15.05 16.03 -5.03
C LYS A 153 -14.53 16.44 -3.65
N PRO A 154 -13.24 16.22 -3.37
CA PRO A 154 -12.28 15.57 -4.26
C PRO A 154 -12.17 14.07 -4.00
N PHE A 155 -13.08 13.56 -3.16
CA PHE A 155 -12.96 12.18 -2.69
C PHE A 155 -13.09 11.18 -3.81
N CYS A 156 -13.98 11.46 -4.77
CA CYS A 156 -14.12 10.59 -5.94
C CYS A 156 -12.90 10.59 -6.83
N ASP A 157 -11.94 11.48 -6.59
CA ASP A 157 -10.74 11.61 -7.41
C ASP A 157 -9.56 10.81 -6.87
N ILE A 158 -9.70 10.18 -5.71
CA ILE A 158 -8.54 9.59 -5.04
C ILE A 158 -8.21 8.22 -5.62
N MET A 159 -9.19 7.33 -5.67
CA MET A 159 -8.87 5.93 -5.93
C MET A 159 -8.79 5.62 -7.42
N GLU A 160 -9.51 6.35 -8.26
CA GLU A 160 -9.55 6.08 -9.70
C GLU A 160 -8.19 5.91 -10.35
N PRO A 161 -7.19 6.77 -10.12
CA PRO A 161 -5.88 6.50 -10.74
C PRO A 161 -5.20 5.25 -10.19
N LYS A 162 -5.53 4.84 -8.96
CA LYS A 162 -4.94 3.62 -8.41
C LYS A 162 -5.52 2.40 -9.11
N PHE A 163 -6.84 2.42 -9.36
CA PHE A 163 -7.46 1.37 -10.17
C PHE A 163 -6.79 1.25 -11.53
N ASP A 164 -6.52 2.40 -12.18
CA ASP A 164 -5.90 2.37 -13.49
C ASP A 164 -4.50 1.78 -13.43
N PHE A 165 -3.70 2.20 -12.45
CA PHE A 165 -2.39 1.58 -12.27
C PHE A 165 -2.52 0.08 -12.02
N ALA A 166 -3.44 -0.29 -11.13
CA ALA A 166 -3.55 -1.68 -10.72
C ALA A 166 -3.92 -2.59 -11.90
N MET A 167 -4.82 -2.12 -12.77
CA MET A 167 -5.27 -2.93 -13.89
C MET A 167 -4.10 -3.36 -14.77
N LYS A 168 -3.21 -2.43 -15.11
CA LYS A 168 -2.06 -2.77 -15.94
C LYS A 168 -1.03 -3.57 -15.15
N PHE A 169 -0.74 -3.15 -13.92
CA PHE A 169 0.17 -3.90 -13.05
C PHE A 169 -0.30 -5.34 -12.91
N ASN A 170 -1.61 -5.53 -12.68
CA ASN A 170 -2.16 -6.88 -12.52
C ASN A 170 -2.08 -7.69 -13.80
N ALA A 171 -2.06 -7.02 -14.96
CA ALA A 171 -1.93 -7.73 -16.22
C ALA A 171 -0.56 -8.41 -16.36
N LEU A 172 0.43 -8.00 -15.57
CA LEU A 172 1.72 -8.65 -15.56
C LEU A 172 1.71 -9.99 -14.84
N GLU A 173 0.67 -10.27 -14.06
CA GLU A 173 0.47 -11.56 -13.42
C GLU A 173 1.63 -11.93 -12.48
N LEU A 174 2.05 -10.95 -11.69
CA LEU A 174 3.02 -11.24 -10.63
C LEU A 174 2.36 -12.02 -9.51
N ASP A 175 3.15 -12.88 -8.86
CA ASP A 175 2.72 -13.53 -7.63
C ASP A 175 3.41 -12.86 -6.44
N ASP A 176 3.10 -13.38 -5.25
CA ASP A 176 3.59 -12.75 -4.02
C ASP A 176 5.12 -12.80 -3.93
N SER A 177 5.73 -13.88 -4.44
CA SER A 177 7.18 -13.96 -4.43
C SER A 177 7.79 -12.82 -5.23
N ASP A 178 7.21 -12.49 -6.39
CA ASP A 178 7.67 -11.34 -7.17
C ASP A 178 7.44 -10.04 -6.40
N ILE A 179 6.22 -9.85 -5.89
CA ILE A 179 5.86 -8.58 -5.27
C ILE A 179 6.70 -8.30 -4.03
N SER A 180 7.08 -9.35 -3.29
CA SER A 180 7.92 -9.14 -2.13
C SER A 180 9.26 -8.50 -2.51
N LEU A 181 9.88 -9.00 -3.58
CA LEU A 181 11.13 -8.42 -4.03
C LEU A 181 10.92 -7.02 -4.59
N PHE A 182 9.83 -6.82 -5.34
CA PHE A 182 9.48 -5.51 -5.87
C PHE A 182 9.38 -4.48 -4.74
N VAL A 183 8.65 -4.83 -3.67
CA VAL A 183 8.47 -3.90 -2.56
C VAL A 183 9.80 -3.67 -1.83
N ALA A 184 10.60 -4.73 -1.69
CA ALA A 184 11.94 -4.55 -1.12
C ALA A 184 12.76 -3.55 -1.91
N ALA A 185 12.68 -3.61 -3.26
CA ALA A 185 13.44 -2.67 -4.07
C ALA A 185 12.91 -1.25 -3.94
N ILE A 186 11.59 -1.10 -3.74
CA ILE A 186 11.00 0.23 -3.54
C ILE A 186 11.53 0.85 -2.24
N ILE A 187 11.58 0.06 -1.17
CA ILE A 187 11.98 0.61 0.13
C ILE A 187 13.46 0.97 0.14
N CYS A 188 14.30 0.09 -0.42
CA CYS A 188 15.76 0.27 -0.36
C CYS A 188 16.22 1.04 -1.59
N CYS A 189 15.90 2.33 -1.60
CA CYS A 189 16.11 3.19 -2.75
C CYS A 189 17.18 4.23 -2.42
N GLY A 190 18.26 4.22 -3.19
CA GLY A 190 19.41 5.07 -2.92
C GLY A 190 19.31 6.51 -3.35
N ASP A 191 18.25 6.90 -4.05
CA ASP A 191 18.12 8.27 -4.54
C ASP A 191 17.07 9.06 -3.77
N ARG A 192 16.69 8.60 -2.58
CA ARG A 192 15.72 9.35 -1.80
C ARG A 192 16.38 10.63 -1.25
N PRO A 193 15.63 11.73 -1.20
CA PRO A 193 16.25 13.01 -0.78
C PRO A 193 16.61 12.99 0.70
N GLY A 194 17.85 13.37 1.00
CA GLY A 194 18.31 13.46 2.37
C GLY A 194 19.06 12.25 2.89
N LEU A 195 19.23 11.21 2.08
CA LEU A 195 20.01 10.07 2.53
C LEU A 195 21.46 10.48 2.77
N LEU A 196 22.05 9.95 3.83
CA LEU A 196 23.46 10.16 4.09
C LEU A 196 24.33 9.03 3.57
N ASN A 197 24.01 7.79 3.93
CA ASN A 197 24.77 6.63 3.46
C ASN A 197 24.24 6.15 2.11
N VAL A 198 24.30 7.06 1.13
CA VAL A 198 23.81 6.77 -0.21
C VAL A 198 24.57 5.59 -0.81
N GLY A 199 25.89 5.57 -0.65
CA GLY A 199 26.69 4.52 -1.25
C GLY A 199 26.26 3.13 -0.82
N HIS A 200 26.04 2.94 0.50
CA HIS A 200 25.69 1.62 1.00
C HIS A 200 24.27 1.22 0.58
N ILE A 201 23.31 2.14 0.70
CA ILE A 201 21.94 1.85 0.29
C ILE A 201 21.88 1.54 -1.20
N GLU A 202 22.70 2.25 -2.00
CA GLU A 202 22.79 1.93 -3.42
C GLU A 202 23.25 0.50 -3.64
N LYS A 203 24.23 0.04 -2.86
CA LYS A 203 24.65 -1.36 -2.98
C LYS A 203 23.57 -2.32 -2.47
N MET A 204 22.82 -1.92 -1.43
CA MET A 204 21.70 -2.75 -1.01
C MET A 204 20.68 -2.93 -2.12
N GLN A 205 20.35 -1.84 -2.84
CA GLN A 205 19.36 -1.96 -3.90
C GLN A 205 19.90 -2.76 -5.07
N GLU A 206 21.20 -2.62 -5.37
CA GLU A 206 21.81 -3.39 -6.44
C GLU A 206 21.62 -4.88 -6.21
N GLY A 207 21.82 -5.33 -4.96
CA GLY A 207 21.61 -6.74 -4.65
C GLY A 207 20.16 -7.16 -4.81
N ILE A 208 19.23 -6.35 -4.31
CA ILE A 208 17.81 -6.70 -4.38
C ILE A 208 17.35 -6.72 -5.82
N VAL A 209 17.72 -5.72 -6.61
CA VAL A 209 17.31 -5.66 -8.01
C VAL A 209 17.90 -6.84 -8.78
N HIS A 210 19.14 -7.20 -8.46
CA HIS A 210 19.79 -8.35 -9.10
C HIS A 210 18.98 -9.62 -8.88
N VAL A 211 18.59 -9.89 -7.64
CA VAL A 211 17.87 -11.12 -7.35
C VAL A 211 16.46 -11.07 -7.96
N LEU A 212 15.84 -9.90 -7.98
CA LEU A 212 14.56 -9.75 -8.66
C LEU A 212 14.68 -10.15 -10.13
N ARG A 213 15.69 -9.61 -10.82
CA ARG A 213 15.95 -9.98 -12.20
C ARG A 213 16.07 -11.50 -12.37
N LEU A 214 16.91 -12.14 -11.55
CA LEU A 214 17.06 -13.59 -11.62
C LEU A 214 15.74 -14.29 -11.34
N HIS A 215 15.00 -13.83 -10.33
CA HIS A 215 13.74 -14.47 -9.98
C HIS A 215 12.73 -14.37 -11.12
N LEU A 216 12.59 -13.18 -11.73
CA LEU A 216 11.64 -13.02 -12.82
C LEU A 216 11.98 -13.93 -14.00
N GLN A 217 13.26 -14.18 -14.21
CA GLN A 217 13.69 -15.00 -15.34
C GLN A 217 13.23 -16.44 -15.19
N SER A 218 13.25 -16.97 -13.96
CA SER A 218 12.83 -18.34 -13.69
C SER A 218 11.35 -18.47 -13.33
N ASN A 219 10.78 -17.45 -12.67
CA ASN A 219 9.38 -17.52 -12.28
C ASN A 219 8.44 -17.11 -13.41
N HIS A 220 8.91 -16.35 -14.39
CA HIS A 220 8.11 -15.95 -15.55
C HIS A 220 8.92 -16.13 -16.83
N PRO A 221 9.34 -17.36 -17.15
CA PRO A 221 10.28 -17.54 -18.27
C PRO A 221 9.72 -17.14 -19.63
N ASP A 222 8.42 -16.90 -19.75
CA ASP A 222 7.86 -16.56 -21.05
C ASP A 222 7.98 -15.07 -21.35
N ASP A 223 7.77 -14.23 -20.34
CA ASP A 223 7.73 -12.78 -20.53
C ASP A 223 9.17 -12.29 -20.48
N ILE A 224 9.79 -12.18 -21.66
CA ILE A 224 11.23 -11.90 -21.75
C ILE A 224 11.58 -10.49 -21.28
N PHE A 225 10.62 -9.55 -21.32
CA PHE A 225 10.88 -8.15 -20.97
C PHE A 225 10.24 -7.73 -19.65
N LEU A 226 9.86 -8.70 -18.80
CA LEU A 226 9.15 -8.34 -17.57
C LEU A 226 10.02 -7.46 -16.67
N PHE A 227 11.33 -7.72 -16.61
CA PHE A 227 12.19 -6.96 -15.70
C PHE A 227 12.21 -5.47 -16.02
N PRO A 228 12.53 -5.03 -17.25
CA PRO A 228 12.45 -3.57 -17.51
C PRO A 228 11.04 -3.04 -17.41
N LYS A 229 10.03 -3.86 -17.73
CA LYS A 229 8.64 -3.44 -17.51
C LYS A 229 8.41 -3.08 -16.04
N LEU A 230 8.89 -3.93 -15.13
CA LEU A 230 8.73 -3.68 -13.70
C LEU A 230 9.53 -2.46 -13.27
N LEU A 231 10.72 -2.28 -13.83
CA LEU A 231 11.50 -1.08 -13.54
C LEU A 231 10.71 0.19 -13.85
N GLN A 232 10.02 0.21 -14.99
CA GLN A 232 9.22 1.40 -15.30
C GLN A 232 8.00 1.52 -14.38
N LYS A 233 7.40 0.40 -13.98
CA LYS A 233 6.33 0.46 -12.99
C LYS A 233 6.79 1.15 -11.71
N MET A 234 8.06 0.99 -11.38
CA MET A 234 8.64 1.70 -10.24
C MET A 234 8.57 3.20 -10.45
N ALA A 235 8.91 3.66 -11.66
CA ALA A 235 8.83 5.09 -11.97
C ALA A 235 7.39 5.57 -12.00
N ASP A 236 6.48 4.77 -12.58
CA ASP A 236 5.06 5.12 -12.54
C ASP A 236 4.57 5.35 -11.12
N LEU A 237 5.01 4.50 -10.18
CA LEU A 237 4.52 4.61 -8.80
C LEU A 237 4.97 5.92 -8.16
N ARG A 238 6.21 6.33 -8.42
CA ARG A 238 6.68 7.62 -7.92
C ARG A 238 5.82 8.76 -8.44
N GLN A 239 5.46 8.70 -9.73
CA GLN A 239 4.56 9.69 -10.32
C GLN A 239 3.18 9.62 -9.68
N LEU A 240 2.68 8.40 -9.48
CA LEU A 240 1.37 8.22 -8.83
C LEU A 240 1.36 8.85 -7.44
N VAL A 241 2.45 8.68 -6.69
CA VAL A 241 2.49 9.18 -5.32
C VAL A 241 2.60 10.70 -5.30
N THR A 242 3.43 11.28 -6.17
CA THR A 242 3.53 12.73 -6.25
C THR A 242 2.18 13.33 -6.59
N GLU A 243 1.45 12.71 -7.51
CA GLU A 243 0.10 13.16 -7.83
C GLU A 243 -0.86 12.96 -6.67
N HIS A 244 -0.69 11.88 -5.89
CA HIS A 244 -1.58 11.63 -4.76
C HIS A 244 -1.32 12.61 -3.63
N ALA A 245 -0.06 13.04 -3.46
CA ALA A 245 0.27 13.97 -2.39
C ALA A 245 -0.49 15.29 -2.53
N GLN A 246 -0.79 15.69 -3.76
CA GLN A 246 -1.49 16.96 -3.95
C GLN A 246 -2.98 16.81 -3.68
N LEU A 247 -3.53 15.62 -3.84
CA LEU A 247 -4.87 15.36 -3.35
C LEU A 247 -4.90 15.44 -1.83
N VAL A 248 -3.87 14.90 -1.17
CA VAL A 248 -3.74 15.05 0.28
C VAL A 248 -3.70 16.53 0.66
N GLN A 249 -3.04 17.35 -0.16
CA GLN A 249 -2.90 18.76 0.15
C GLN A 249 -4.24 19.47 0.08
N ILE A 250 -5.07 19.09 -0.90
CA ILE A 250 -6.41 19.66 -1.03
C ILE A 250 -7.25 19.33 0.19
N ILE A 251 -7.03 18.17 0.80
CA ILE A 251 -7.80 17.77 1.97
C ILE A 251 -7.32 18.50 3.21
N LYS A 252 -6.01 18.66 3.35
CA LYS A 252 -5.46 19.43 4.48
C LYS A 252 -6.10 20.81 4.57
N LYS A 253 -6.28 21.46 3.42
CA LYS A 253 -6.65 22.87 3.36
C LYS A 253 -8.16 23.08 3.35
N THR A 254 -8.90 22.27 2.59
CA THR A 254 -10.28 22.58 2.25
C THR A 254 -11.28 21.53 2.73
N GLU A 255 -10.94 20.74 3.76
CA GLU A 255 -11.87 19.77 4.33
C GLU A 255 -11.81 19.84 5.84
N SER A 256 -12.90 20.33 6.44
CA SER A 256 -12.93 20.56 7.88
C SER A 256 -12.82 19.26 8.66
N ASP A 257 -13.78 18.35 8.46
CA ASP A 257 -13.87 17.13 9.26
C ASP A 257 -13.13 15.95 8.63
N ALA A 258 -11.93 16.20 8.10
CA ALA A 258 -11.10 15.15 7.51
C ALA A 258 -9.68 15.26 8.09
N ALA A 259 -9.57 15.04 9.40
CA ALA A 259 -8.31 15.23 10.08
C ALA A 259 -7.32 14.13 9.68
N LEU A 260 -6.13 14.53 9.26
CA LEU A 260 -5.08 13.58 8.95
C LEU A 260 -4.50 12.97 10.22
N HIS A 261 -4.29 11.66 10.19
CA HIS A 261 -3.63 10.98 11.28
C HIS A 261 -2.22 11.54 11.44
N PRO A 262 -1.72 11.71 12.67
CA PRO A 262 -0.39 12.34 12.83
C PRO A 262 0.74 11.60 12.14
N LEU A 263 0.71 10.26 12.13
CA LEU A 263 1.76 9.51 11.45
C LEU A 263 1.79 9.82 9.96
N LEU A 264 0.63 10.09 9.36
CA LEU A 264 0.60 10.33 7.93
C LEU A 264 1.02 11.76 7.57
N GLN A 265 0.76 12.75 8.43
CA GLN A 265 1.26 14.08 8.11
C GLN A 265 2.77 14.16 8.27
N GLU A 266 3.34 13.38 9.18
CA GLU A 266 4.79 13.27 9.24
C GLU A 266 5.35 12.70 7.94
N ILE A 267 4.69 11.67 7.40
CA ILE A 267 5.12 11.09 6.14
C ILE A 267 5.03 12.12 5.02
N TYR A 268 3.93 12.86 4.96
CA TYR A 268 3.66 13.81 3.88
C TYR A 268 4.32 15.18 4.09
N ARG A 269 5.09 15.37 5.16
CA ARG A 269 5.51 16.73 5.53
C ARG A 269 6.35 17.39 4.43
N ASP A 270 7.19 16.63 3.73
CA ASP A 270 8.13 17.23 2.78
C ASP A 270 8.29 16.35 1.54
N MET A 271 7.19 16.14 0.82
CA MET A 271 7.25 15.46 -0.47
C MET A 271 6.79 16.39 -1.59
N PRO B 7 9.73 12.21 20.27
CA PRO B 7 10.32 12.13 18.93
C PRO B 7 9.28 12.01 17.82
N SER B 8 9.73 11.71 16.61
CA SER B 8 8.85 11.56 15.47
C SER B 8 8.25 10.16 15.44
N LEU B 9 7.08 10.05 14.80
CA LEU B 9 6.31 8.80 14.86
C LEU B 9 6.98 7.67 14.08
N LEU B 10 7.71 7.98 13.00
CA LEU B 10 8.39 6.92 12.26
C LEU B 10 9.54 6.34 13.07
N LYS B 11 10.23 7.17 13.84
CA LYS B 11 11.31 6.69 14.65
C LYS B 11 10.76 5.68 15.64
N LYS B 12 9.64 5.99 16.26
CA LYS B 12 9.07 5.08 17.23
C LYS B 12 8.74 3.72 16.66
N LEU B 13 8.24 3.68 15.44
CA LEU B 13 7.94 2.41 14.82
C LEU B 13 9.21 1.68 14.59
N LEU B 14 10.26 2.38 14.24
CA LEU B 14 11.52 1.68 13.95
C LEU B 14 12.19 1.20 15.24
N LEU B 15 12.03 1.90 16.34
CA LEU B 15 12.67 1.52 17.60
C LEU B 15 11.82 0.58 18.44
N ALA B 16 10.62 0.22 17.99
CA ALA B 16 9.77 -0.66 18.77
C ALA B 16 10.41 -2.05 18.89
N PRO B 17 10.14 -2.78 19.98
CA PRO B 17 10.56 -4.17 20.16
C PRO B 17 10.08 -5.08 19.04
C10 A1LZ1 C . -6.13 11.71 1.77
C11 A1LZ1 C . -5.71 10.29 3.79
C12 A1LZ1 C . -6.01 11.81 0.25
C16 A1LZ1 C . -12.31 7.62 -0.68
C01 A1LZ1 C . -5.72 5.16 0.33
C02 A1LZ1 C . -4.54 5.83 0.94
C03 A1LZ1 C . -4.64 7.22 1.42
C04 A1LZ1 C . -5.97 7.96 1.28
C05 A1LZ1 C . -7.07 7.33 0.71
C06 A1LZ1 C . -6.38 9.24 1.63
C08 A1LZ1 C . -3.42 7.86 2.06
C09 A1LZ1 C . -5.59 10.37 2.28
C13 A1LZ1 C . -4.65 11.22 4.40
C14 A1LZ1 C . -9.76 6.99 -0.90
C15 A1LZ1 C . -11.20 6.82 -1.36
C17 A1LZ1 C . -11.99 8.60 0.44
C18 A1LZ1 C . -10.56 8.76 0.89
C19 A1LZ1 C . -9.45 7.96 0.22
C26 A1LZ1 C . -5.79 0.10 1.19
C27 A1LZ1 C . -4.43 -1.82 0.88
C28 A1LZ1 C . -4.47 3.13 0.35
C29 A1LZ1 C . -4.70 2.33 1.63
C31 A1LZ1 C . -7.08 2.31 1.26
C32 A1LZ1 C . -6.91 3.15 -0.01
C35 A1LZ1 C . -2.95 -2.18 0.82
C36 A1LZ1 C . -2.76 -3.51 0.10
C37 A1LZ1 C . -3.51 -4.62 0.85
F20 A1LZ1 C . -13.59 7.46 -1.09
N07 A1LZ1 C . -5.64 3.79 -0.15
N21 A1LZ1 C . -6.97 5.89 0.21
N22 A1LZ1 C . -7.68 9.37 1.28
N23 A1LZ1 C . -8.10 8.18 0.70
N30 A1LZ1 C . -5.89 1.50 1.57
O24 A1LZ1 C . -3.04 7.44 3.17
O25 A1LZ1 C . -2.82 8.81 1.49
O33 A1LZ1 C . -6.74 -0.51 0.87
O34 A1LZ1 C . -4.52 -0.47 1.19
#